data_3N9J
#
_entry.id   3N9J
#
_cell.length_a   76.806
_cell.length_b   89.994
_cell.length_c   68.870
_cell.angle_alpha   90.000
_cell.angle_beta   98.240
_cell.angle_gamma   90.000
#
_symmetry.space_group_name_H-M   'C 1 2 1'
#
loop_
_entity.id
_entity.type
_entity.pdbx_description
1 polymer 'Glutathione S-transferase P'
2 non-polymer 'PLATINUM (II) ION'
3 non-polymer '2-(N-MORPHOLINO)-ETHANESULFONIC ACID'
4 non-polymer 'ETHACRYNIC ACID'
5 non-polymer 'CALCIUM ION'
6 non-polymer 'CHLORIDE ION'
7 water water
#
_entity_poly.entity_id   1
_entity_poly.type   'polypeptide(L)'
_entity_poly.pdbx_seq_one_letter_code
;MPPYTVVYFPVRGRCAALRMLLADQGQSWKEEVVTVETWQEGSLKASCLYGQLPKFQDGDLTLYQSNTILRHLGRTLGLY
GKDQQEAALVDMVNDGVEDLRCKYISLIYTNYEAGKDDYVKALPGQLKPFETLLSQNQGGKTFIVGDQISFADYNLLDLL
LIHEVLAPGCLDAFPLLSAYVGRLSARPKLKAFLASPEYVNLPINGNGKQ
;
_entity_poly.pdbx_strand_id   A,B
#
loop_
_chem_comp.id
_chem_comp.type
_chem_comp.name
_chem_comp.formula
CA non-polymer 'CALCIUM ION' 'Ca 2'
CL non-polymer 'CHLORIDE ION' 'Cl -1'
EAA non-polymer 'ETHACRYNIC ACID' 'C13 H12 Cl2 O4'
MES non-polymer '2-(N-MORPHOLINO)-ETHANESULFONIC ACID' 'C6 H13 N O4 S'
PT non-polymer 'PLATINUM (II) ION' 'Pt 2'
#
# COMPACT_ATOMS: atom_id res chain seq x y z
N PRO A 3 13.14 -22.40 2.02
CA PRO A 3 12.79 -21.58 3.18
C PRO A 3 11.56 -20.70 2.91
N TYR A 4 11.24 -20.47 1.63
CA TYR A 4 10.03 -19.73 1.24
C TYR A 4 8.92 -20.63 0.73
N THR A 5 7.68 -20.32 1.12
CA THR A 5 6.49 -20.95 0.55
C THR A 5 5.50 -19.87 0.12
N VAL A 6 5.01 -20.02 -1.12
CA VAL A 6 3.92 -19.17 -1.65
C VAL A 6 2.63 -20.01 -1.68
N VAL A 7 1.63 -19.52 -0.95
CA VAL A 7 0.32 -20.15 -0.87
C VAL A 7 -0.65 -19.26 -1.66
N TYR A 8 -1.13 -19.77 -2.81
CA TYR A 8 -1.97 -18.95 -3.72
C TYR A 8 -2.86 -19.81 -4.60
N PHE A 9 -3.84 -19.14 -5.22
CA PHE A 9 -4.64 -19.72 -6.30
C PHE A 9 -3.73 -19.98 -7.51
N PRO A 10 -4.15 -20.91 -8.40
CA PRO A 10 -3.42 -21.22 -9.63
C PRO A 10 -3.52 -20.04 -10.62
N VAL A 11 -3.02 -18.87 -10.23
CA VAL A 11 -3.03 -17.68 -11.11
C VAL A 11 -1.74 -16.86 -10.83
N ARG A 12 -1.36 -16.00 -11.77
CA ARG A 12 -0.23 -15.06 -11.58
C ARG A 12 -0.62 -14.00 -10.57
N GLY A 13 -1.55 -13.12 -10.96
CA GLY A 13 -2.25 -12.19 -10.03
C GLY A 13 -1.25 -11.43 -9.16
N ARG A 14 -1.53 -11.37 -7.84
CA ARG A 14 -0.66 -10.64 -6.92
C ARG A 14 0.64 -11.34 -6.54
N CYS A 15 0.89 -12.54 -7.04
CA CYS A 15 2.18 -13.22 -6.78
C CYS A 15 3.17 -13.14 -7.92
N ALA A 16 2.74 -12.64 -9.08
CA ALA A 16 3.60 -12.56 -10.26
C ALA A 16 4.90 -11.82 -9.94
N ALA A 17 4.77 -10.64 -9.31
CA ALA A 17 5.93 -9.78 -9.11
C ALA A 17 6.91 -10.41 -8.11
N LEU A 18 6.38 -10.96 -7.01
CA LEU A 18 7.24 -11.57 -5.98
C LEU A 18 7.89 -12.86 -6.53
N ARG A 19 7.17 -13.59 -7.39
CA ARG A 19 7.81 -14.76 -8.06
C ARG A 19 8.95 -14.32 -8.99
N MET A 20 8.72 -13.27 -9.78
CA MET A 20 9.78 -12.75 -10.67
C MET A 20 11.00 -12.36 -9.84
N LEU A 21 10.74 -11.69 -8.70
CA LEU A 21 11.81 -11.24 -7.82
C LEU A 21 12.66 -12.46 -7.35
N LEU A 22 11.98 -13.48 -6.81
CA LEU A 22 12.64 -14.69 -6.28
C LEU A 22 13.44 -15.38 -7.41
N ALA A 23 12.78 -15.53 -8.56
CA ALA A 23 13.41 -16.19 -9.72
C ALA A 23 14.64 -15.42 -10.21
N ASP A 24 14.50 -14.12 -10.42
CA ASP A 24 15.62 -13.28 -10.85
C ASP A 24 16.76 -13.24 -9.84
N GLN A 25 16.44 -13.38 -8.55
CA GLN A 25 17.44 -13.37 -7.49
C GLN A 25 18.03 -14.76 -7.19
N GLY A 26 17.60 -15.77 -7.93
CA GLY A 26 18.14 -17.13 -7.79
C GLY A 26 17.74 -17.85 -6.50
N GLN A 27 16.61 -17.42 -5.92
CA GLN A 27 16.13 -17.99 -4.66
C GLN A 27 15.19 -19.14 -4.92
N SER A 28 15.23 -20.13 -4.04
CA SER A 28 14.34 -21.26 -4.22
C SER A 28 13.08 -21.08 -3.40
N TRP A 29 11.95 -21.55 -3.94
CA TRP A 29 10.71 -21.55 -3.17
C TRP A 29 9.73 -22.69 -3.47
N LYS A 30 8.81 -22.94 -2.54
CA LYS A 30 7.74 -23.90 -2.75
C LYS A 30 6.43 -23.18 -3.15
N GLU A 31 5.71 -23.76 -4.09
CA GLU A 31 4.37 -23.31 -4.44
C GLU A 31 3.34 -24.25 -3.81
N GLU A 32 2.51 -23.71 -2.92
CA GLU A 32 1.32 -24.43 -2.48
C GLU A 32 0.06 -23.86 -3.13
N VAL A 33 -0.58 -24.68 -3.96
CA VAL A 33 -1.72 -24.24 -4.79
C VAL A 33 -3.05 -24.47 -4.05
N VAL A 34 -3.86 -23.42 -4.03
CA VAL A 34 -5.18 -23.46 -3.40
C VAL A 34 -6.25 -23.42 -4.50
N THR A 35 -7.02 -24.49 -4.61
CA THR A 35 -8.13 -24.51 -5.56
C THR A 35 -9.31 -23.64 -5.09
N VAL A 36 -10.13 -23.21 -6.06
CA VAL A 36 -11.36 -22.50 -5.77
C VAL A 36 -12.24 -23.30 -4.78
N GLU A 37 -12.26 -24.63 -4.95
CA GLU A 37 -13.04 -25.53 -4.08
C GLU A 37 -12.56 -25.52 -2.63
N THR A 38 -11.24 -25.63 -2.44
CA THR A 38 -10.65 -25.54 -1.10
C THR A 38 -10.96 -24.19 -0.47
N TRP A 39 -10.76 -23.13 -1.24
CA TRP A 39 -11.05 -21.77 -0.78
C TRP A 39 -12.52 -21.61 -0.32
N GLN A 40 -13.45 -22.10 -1.15
CA GLN A 40 -14.89 -22.06 -0.86
C GLN A 40 -15.29 -22.90 0.36
N GLU A 41 -14.53 -23.96 0.67
CA GLU A 41 -14.76 -24.79 1.86
C GLU A 41 -14.67 -23.94 3.15
N GLY A 42 -13.78 -22.93 3.14
CA GLY A 42 -13.84 -21.84 4.12
C GLY A 42 -12.84 -21.84 5.25
N SER A 43 -12.32 -23.02 5.59
CA SER A 43 -11.34 -23.19 6.67
C SER A 43 -10.03 -22.41 6.46
N LEU A 44 -9.41 -22.58 5.30
CA LEU A 44 -8.14 -21.92 5.06
C LEU A 44 -8.35 -20.41 5.18
N LYS A 45 -9.42 -19.92 4.55
CA LYS A 45 -9.73 -18.51 4.48
C LYS A 45 -9.87 -17.94 5.91
N ALA A 46 -10.58 -18.68 6.77
CA ALA A 46 -10.79 -18.26 8.17
C ALA A 46 -9.48 -18.15 8.95
N SER A 47 -8.49 -18.98 8.61
CA SER A 47 -7.14 -18.95 9.21
C SER A 47 -6.21 -17.82 8.70
N CYS A 48 -6.56 -17.21 7.57
CA CYS A 48 -5.76 -16.11 7.00
C CYS A 48 -6.07 -14.82 7.74
N LEU A 49 -5.03 -14.03 8.04
CA LEU A 49 -5.18 -12.83 8.88
C LEU A 49 -6.31 -11.91 8.41
N TYR A 50 -6.32 -11.60 7.12
CA TYR A 50 -7.35 -10.75 6.53
C TYR A 50 -8.29 -11.50 5.57
N GLY A 51 -8.34 -12.81 5.70
CA GLY A 51 -9.24 -13.63 4.90
C GLY A 51 -8.89 -13.67 3.41
N GLN A 52 -7.63 -13.41 3.07
CA GLN A 52 -7.24 -13.47 1.67
C GLN A 52 -5.86 -14.12 1.45
N LEU A 53 -5.61 -14.51 0.21
CA LEU A 53 -4.32 -14.94 -0.26
C LEU A 53 -3.74 -13.82 -1.11
N PRO A 54 -2.41 -13.78 -1.29
CA PRO A 54 -1.39 -14.75 -0.87
C PRO A 54 -1.09 -14.82 0.63
N LYS A 55 -0.69 -16.02 1.04
CA LYS A 55 -0.03 -16.27 2.31
C LYS A 55 1.42 -16.69 1.95
N PHE A 56 2.36 -16.17 2.71
CA PHE A 56 3.78 -16.37 2.43
C PHE A 56 4.47 -16.80 3.70
N GLN A 57 5.23 -17.89 3.61
CA GLN A 57 6.01 -18.34 4.76
C GLN A 57 7.49 -18.20 4.48
N ASP A 58 8.19 -17.55 5.40
CA ASP A 58 9.62 -17.47 5.35
C ASP A 58 10.10 -18.10 6.66
N GLY A 59 10.49 -19.38 6.61
CA GLY A 59 10.59 -20.17 7.84
C GLY A 59 9.30 -20.08 8.61
N ASP A 60 9.39 -19.79 9.91
CA ASP A 60 8.17 -19.70 10.74
C ASP A 60 7.49 -18.31 10.67
N LEU A 61 8.01 -17.42 9.85
CA LEU A 61 7.42 -16.07 9.72
C LEU A 61 6.31 -16.18 8.68
N THR A 62 5.08 -15.92 9.11
CA THR A 62 3.93 -16.03 8.19
C THR A 62 3.42 -14.63 7.85
N LEU A 63 3.38 -14.33 6.56
CA LEU A 63 2.99 -13.01 6.05
C LEU A 63 1.77 -13.10 5.14
N TYR A 64 1.00 -12.02 5.13
CA TYR A 64 -0.11 -11.80 4.19
C TYR A 64 0.11 -10.40 3.63
N GLN A 65 -0.57 -10.09 2.52
CA GLN A 65 -0.50 -8.77 1.81
C GLN A 65 0.68 -8.84 0.83
N SER A 66 0.38 -8.79 -0.47
CA SER A 66 1.44 -8.94 -1.51
C SER A 66 2.57 -7.90 -1.37
N ASN A 67 2.25 -6.64 -1.03
CA ASN A 67 3.32 -5.62 -0.85
C ASN A 67 4.11 -5.79 0.43
N THR A 68 3.51 -6.41 1.43
CA THR A 68 4.25 -6.83 2.64
C THR A 68 5.31 -7.83 2.24
N ILE A 69 4.93 -8.81 1.42
CA ILE A 69 5.89 -9.81 0.96
C ILE A 69 6.98 -9.16 0.10
N LEU A 70 6.57 -8.26 -0.81
CA LEU A 70 7.59 -7.58 -1.64
C LEU A 70 8.60 -6.80 -0.79
N ARG A 71 8.10 -6.04 0.19
CA ARG A 71 8.93 -5.21 1.04
C ARG A 71 9.86 -6.06 1.89
N HIS A 72 9.34 -7.17 2.40
CA HIS A 72 10.10 -8.13 3.22
C HIS A 72 11.26 -8.70 2.42
N LEU A 73 10.96 -9.20 1.22
CA LEU A 73 12.03 -9.70 0.32
C LEU A 73 12.98 -8.57 -0.12
N GLY A 74 12.42 -7.39 -0.40
CA GLY A 74 13.22 -6.20 -0.67
C GLY A 74 14.25 -5.91 0.43
N ARG A 75 13.81 -5.94 1.69
CA ARG A 75 14.67 -5.75 2.85
C ARG A 75 15.74 -6.84 2.94
N THR A 76 15.30 -8.09 2.96
CA THR A 76 16.22 -9.20 3.22
C THR A 76 17.15 -9.52 2.05
N LEU A 77 16.77 -9.16 0.83
CA LEU A 77 17.60 -9.44 -0.34
C LEU A 77 18.38 -8.23 -0.92
N GLY A 78 18.35 -7.12 -0.18
CA GLY A 78 19.01 -5.87 -0.55
C GLY A 78 18.50 -5.25 -1.85
N LEU A 79 17.19 -5.17 -1.99
CA LEU A 79 16.49 -4.62 -3.18
C LEU A 79 15.60 -3.45 -2.73
N TYR A 80 16.14 -2.58 -1.89
CA TYR A 80 15.34 -1.54 -1.27
C TYR A 80 16.08 -0.21 -1.23
N GLY A 81 16.86 0.08 -2.28
CA GLY A 81 17.61 1.34 -2.35
C GLY A 81 18.97 1.27 -1.65
N LYS A 82 19.87 2.19 -1.98
CA LYS A 82 21.21 2.21 -1.35
C LYS A 82 21.26 2.94 0.01
N ASP A 83 20.25 3.77 0.30
CA ASP A 83 20.20 4.59 1.51
C ASP A 83 18.73 4.90 1.85
N GLN A 84 18.48 5.80 2.82
CA GLN A 84 17.11 6.07 3.26
C GLN A 84 16.29 6.86 2.25
N GLN A 85 16.93 7.82 1.57
CA GLN A 85 16.25 8.56 0.54
C GLN A 85 15.76 7.64 -0.60
N GLU A 86 16.63 6.75 -1.07
CA GLU A 86 16.20 5.81 -2.13
C GLU A 86 15.08 4.87 -1.70
N ALA A 87 15.15 4.39 -0.44
CA ALA A 87 14.11 3.58 0.15
C ALA A 87 12.74 4.25 0.06
N ALA A 88 12.67 5.54 0.38
CA ALA A 88 11.40 6.30 0.28
C ALA A 88 10.88 6.42 -1.16
N LEU A 89 11.79 6.67 -2.10
CA LEU A 89 11.45 6.74 -3.53
C LEU A 89 10.93 5.37 -4.03
N VAL A 90 11.56 4.29 -3.60
CA VAL A 90 11.12 2.92 -3.90
C VAL A 90 9.67 2.68 -3.42
N ASP A 91 9.40 3.09 -2.19
CA ASP A 91 8.04 3.07 -1.64
C ASP A 91 7.07 3.92 -2.49
N MET A 92 7.47 5.13 -2.86
CA MET A 92 6.59 6.01 -3.64
C MET A 92 6.22 5.36 -4.97
N VAL A 93 7.20 4.70 -5.58
CA VAL A 93 6.98 3.97 -6.84
C VAL A 93 6.02 2.82 -6.59
N ASN A 94 6.31 1.99 -5.58
CA ASN A 94 5.48 0.84 -5.31
C ASN A 94 4.04 1.22 -4.97
N ASP A 95 3.84 2.27 -4.15
CA ASP A 95 2.47 2.73 -3.86
C ASP A 95 1.69 3.15 -5.11
N GLY A 96 2.36 3.81 -6.07
CA GLY A 96 1.73 4.21 -7.33
C GLY A 96 1.37 2.99 -8.17
N VAL A 97 2.27 2.00 -8.20
CA VAL A 97 2.03 0.71 -8.85
C VAL A 97 0.79 0.04 -8.22
N GLU A 98 0.78 -0.03 -6.89
CA GLU A 98 -0.35 -0.61 -6.17
C GLU A 98 -1.67 0.10 -6.53
N ASP A 99 -1.65 1.43 -6.55
CA ASP A 99 -2.87 2.19 -6.94
C ASP A 99 -3.43 1.78 -8.32
N LEU A 100 -2.56 1.72 -9.33
CA LEU A 100 -2.99 1.33 -10.65
C LEU A 100 -3.41 -0.14 -10.68
N ARG A 101 -2.71 -0.98 -9.92
CA ARG A 101 -3.12 -2.37 -9.82
C ARG A 101 -4.55 -2.54 -9.28
N CYS A 102 -4.92 -1.75 -8.27
CA CYS A 102 -6.27 -1.83 -7.71
CA CYS A 102 -6.26 -1.79 -7.69
C CYS A 102 -7.31 -1.45 -8.77
N LYS A 103 -7.03 -0.42 -9.56
CA LYS A 103 -7.93 -0.02 -10.65
C LYS A 103 -8.04 -1.13 -11.69
N TYR A 104 -6.91 -1.77 -11.99
CA TYR A 104 -6.88 -2.88 -12.97
C TYR A 104 -7.70 -4.08 -12.44
N ILE A 105 -7.49 -4.40 -11.17
CA ILE A 105 -8.20 -5.47 -10.49
C ILE A 105 -9.72 -5.22 -10.50
N SER A 106 -10.10 -3.98 -10.20
CA SER A 106 -11.52 -3.56 -10.27
C SER A 106 -12.11 -3.79 -11.67
N LEU A 107 -11.41 -3.33 -12.71
CA LEU A 107 -11.82 -3.55 -14.10
C LEU A 107 -12.01 -5.04 -14.44
N ILE A 108 -10.95 -5.81 -14.20
CA ILE A 108 -10.97 -7.25 -14.48
C ILE A 108 -12.12 -7.97 -13.79
N TYR A 109 -12.27 -7.79 -12.47
CA TYR A 109 -13.22 -8.61 -11.71
C TYR A 109 -14.63 -8.06 -11.52
N THR A 110 -14.82 -6.76 -11.69
CA THR A 110 -16.13 -6.20 -11.37
C THR A 110 -16.81 -5.44 -12.50
N ASN A 111 -16.09 -5.14 -13.57
CA ASN A 111 -16.63 -4.21 -14.56
C ASN A 111 -15.93 -4.24 -15.92
N TYR A 112 -15.49 -5.43 -16.36
CA TYR A 112 -14.68 -5.55 -17.58
C TYR A 112 -15.38 -5.01 -18.81
N GLU A 113 -16.56 -5.57 -19.09
CA GLU A 113 -17.32 -5.24 -20.30
C GLU A 113 -17.72 -3.77 -20.38
N ALA A 114 -18.34 -3.22 -19.33
CA ALA A 114 -18.74 -1.81 -19.34
C ALA A 114 -17.58 -0.79 -19.17
N GLY A 115 -16.49 -1.23 -18.51
CA GLY A 115 -15.45 -0.31 -18.08
C GLY A 115 -14.19 -0.21 -18.91
N LYS A 116 -14.00 -1.14 -19.84
CA LYS A 116 -12.72 -1.31 -20.54
C LYS A 116 -12.31 -0.14 -21.44
N ASP A 117 -13.21 0.31 -22.30
CA ASP A 117 -12.90 1.44 -23.20
C ASP A 117 -12.47 2.68 -22.42
N ASP A 118 -13.20 3.01 -21.36
CA ASP A 118 -12.84 4.14 -20.50
C ASP A 118 -11.47 3.94 -19.85
N TYR A 119 -11.23 2.73 -19.33
CA TYR A 119 -9.95 2.37 -18.72
C TYR A 119 -8.76 2.56 -19.65
N VAL A 120 -8.88 2.04 -20.88
CA VAL A 120 -7.81 2.15 -21.86
C VAL A 120 -7.53 3.62 -22.24
N LYS A 121 -8.59 4.42 -22.29
CA LYS A 121 -8.48 5.85 -22.61
C LYS A 121 -7.76 6.63 -21.51
N ALA A 122 -8.06 6.29 -20.25
CA ALA A 122 -7.44 6.90 -19.08
C ALA A 122 -6.01 6.38 -18.82
N LEU A 123 -5.65 5.26 -19.45
CA LEU A 123 -4.39 4.55 -19.18
C LEU A 123 -3.11 5.36 -19.41
N PRO A 124 -2.98 6.10 -20.54
CA PRO A 124 -1.76 6.86 -20.74
C PRO A 124 -1.48 7.83 -19.57
N GLY A 125 -2.55 8.45 -19.07
CA GLY A 125 -2.50 9.33 -17.92
C GLY A 125 -1.99 8.64 -16.65
N GLN A 126 -2.37 7.37 -16.49
CA GLN A 126 -1.96 6.55 -15.32
C GLN A 126 -0.53 5.99 -15.41
N LEU A 127 -0.06 5.82 -16.65
CA LEU A 127 1.29 5.30 -16.94
C LEU A 127 2.35 6.37 -16.98
N LYS A 128 1.94 7.60 -17.33
CA LYS A 128 2.86 8.72 -17.47
C LYS A 128 3.78 9.00 -16.25
N PRO A 129 3.23 8.94 -15.01
CA PRO A 129 4.11 9.14 -13.84
C PRO A 129 5.32 8.17 -13.82
N PHE A 130 5.15 6.94 -14.29
CA PHE A 130 6.30 6.01 -14.35
C PHE A 130 7.36 6.38 -15.41
N GLU A 131 6.89 6.87 -16.55
CA GLU A 131 7.78 7.45 -17.56
C GLU A 131 8.54 8.64 -17.00
N THR A 132 7.82 9.51 -16.29
CA THR A 132 8.44 10.68 -15.68
C THR A 132 9.55 10.30 -14.69
N LEU A 133 9.26 9.33 -13.81
CA LEU A 133 10.28 8.81 -12.87
C LEU A 133 11.53 8.32 -13.60
N LEU A 134 11.31 7.49 -14.62
CA LEU A 134 12.40 6.99 -15.43
C LEU A 134 13.23 8.12 -16.06
N SER A 135 12.55 9.10 -16.66
CA SER A 135 13.26 10.24 -17.28
C SER A 135 14.14 11.03 -16.29
N GLN A 136 13.69 11.07 -15.04
CA GLN A 136 14.39 11.84 -14.01
C GLN A 136 15.53 11.04 -13.34
N ASN A 137 15.69 9.78 -13.75
CA ASN A 137 16.74 8.88 -13.20
C ASN A 137 17.71 8.34 -14.27
N GLN A 138 18.84 9.01 -14.49
CA GLN A 138 19.85 8.55 -15.48
C GLN A 138 19.21 8.38 -16.88
N GLY A 139 18.32 9.29 -17.23
CA GLY A 139 17.63 9.25 -18.53
C GLY A 139 16.87 7.95 -18.79
N GLY A 140 16.47 7.25 -17.72
CA GLY A 140 15.69 6.02 -17.89
C GLY A 140 16.42 4.77 -18.32
N LYS A 141 17.75 4.77 -18.17
CA LYS A 141 18.60 3.71 -18.75
C LYS A 141 18.91 2.58 -17.79
N THR A 142 18.51 2.72 -16.53
CA THR A 142 18.80 1.72 -15.53
C THR A 142 17.53 1.19 -14.83
N PHE A 143 17.27 1.67 -13.61
CA PHE A 143 16.13 1.15 -12.85
C PHE A 143 15.17 2.27 -12.52
N ILE A 144 14.06 1.91 -11.87
CA ILE A 144 13.04 2.90 -11.59
C ILE A 144 13.53 3.87 -10.51
N VAL A 145 14.33 3.36 -9.57
CA VAL A 145 15.00 4.16 -8.53
C VAL A 145 16.51 3.81 -8.45
N GLY A 146 17.38 4.82 -8.57
CA GLY A 146 18.83 4.61 -8.40
C GLY A 146 19.43 3.73 -9.48
N ASP A 147 20.58 3.15 -9.18
CA ASP A 147 21.29 2.33 -10.16
C ASP A 147 21.32 0.82 -9.86
N GLN A 148 20.49 0.38 -8.92
CA GLN A 148 20.31 -1.07 -8.71
C GLN A 148 18.81 -1.40 -8.68
N ILE A 149 18.50 -2.65 -9.03
CA ILE A 149 17.12 -3.14 -9.00
C ILE A 149 16.50 -3.08 -7.59
N SER A 150 15.18 -2.85 -7.54
CA SER A 150 14.47 -2.88 -6.27
C SER A 150 13.19 -3.68 -6.43
N PHE A 151 12.54 -3.97 -5.31
CA PHE A 151 11.27 -4.72 -5.40
C PHE A 151 10.24 -3.95 -6.25
N ALA A 152 10.32 -2.62 -6.25
CA ALA A 152 9.42 -1.79 -7.05
C ALA A 152 9.60 -2.07 -8.55
N ASP A 153 10.84 -2.32 -8.98
CA ASP A 153 11.08 -2.72 -10.40
C ASP A 153 10.30 -3.96 -10.79
N TYR A 154 10.30 -4.99 -9.93
CA TYR A 154 9.58 -6.23 -10.28
C TYR A 154 8.08 -5.97 -10.32
N ASN A 155 7.57 -5.19 -9.37
CA ASN A 155 6.15 -4.89 -9.31
C ASN A 155 5.71 -4.05 -10.52
N LEU A 156 6.45 -2.98 -10.78
CA LEU A 156 6.26 -2.13 -11.98
C LEU A 156 6.29 -2.96 -13.27
N LEU A 157 7.33 -3.77 -13.45
CA LEU A 157 7.44 -4.67 -14.59
C LEU A 157 6.18 -5.51 -14.79
N ASP A 158 5.74 -6.18 -13.72
CA ASP A 158 4.46 -6.93 -13.77
C ASP A 158 3.27 -6.09 -14.24
N LEU A 159 3.09 -4.92 -13.63
CA LEU A 159 2.01 -4.02 -13.99
C LEU A 159 2.04 -3.71 -15.51
N LEU A 160 3.24 -3.42 -16.01
CA LEU A 160 3.38 -3.02 -17.41
C LEU A 160 3.12 -4.23 -18.30
N LEU A 161 3.65 -5.39 -17.92
CA LEU A 161 3.41 -6.60 -18.72
C LEU A 161 1.91 -6.91 -18.85
N ILE A 162 1.18 -6.84 -17.74
CA ILE A 162 -0.25 -7.14 -17.77
C ILE A 162 -1.03 -6.10 -18.55
N HIS A 163 -0.55 -4.85 -18.52
CA HIS A 163 -1.22 -3.78 -19.28
C HIS A 163 -1.06 -3.92 -20.80
N GLU A 164 0.10 -4.39 -21.23
N GLU A 164 0.08 -4.45 -21.23
CA GLU A 164 0.31 -4.72 -22.64
CA GLU A 164 0.33 -4.73 -22.65
C GLU A 164 -0.72 -5.75 -23.11
C GLU A 164 -0.46 -5.93 -23.20
N VAL A 165 -0.98 -6.76 -22.29
CA VAL A 165 -1.96 -7.80 -22.64
C VAL A 165 -3.36 -7.17 -22.70
N LEU A 166 -3.66 -6.30 -21.74
CA LEU A 166 -4.94 -5.59 -21.68
C LEU A 166 -5.14 -4.62 -22.86
N ALA A 167 -4.09 -3.87 -23.17
CA ALA A 167 -4.16 -2.83 -24.20
C ALA A 167 -2.88 -2.90 -25.01
N PRO A 168 -2.80 -3.85 -25.97
CA PRO A 168 -1.60 -3.98 -26.81
C PRO A 168 -1.12 -2.61 -27.38
N GLY A 169 0.19 -2.38 -27.36
CA GLY A 169 0.80 -1.11 -27.75
C GLY A 169 0.68 0.07 -26.79
N CYS A 170 0.09 -0.15 -25.61
CA CYS A 170 -0.08 0.95 -24.68
C CYS A 170 1.26 1.61 -24.33
N LEU A 171 2.37 0.88 -24.42
CA LEU A 171 3.68 1.49 -24.16
C LEU A 171 4.34 2.19 -25.37
N ASP A 172 3.68 2.14 -26.53
CA ASP A 172 4.20 2.88 -27.72
C ASP A 172 4.34 4.37 -27.47
N ALA A 173 3.52 4.90 -26.55
CA ALA A 173 3.54 6.32 -26.20
C ALA A 173 4.59 6.63 -25.13
N PHE A 174 5.31 5.60 -24.70
CA PHE A 174 6.23 5.72 -23.55
C PHE A 174 7.57 5.05 -23.83
N PRO A 175 8.49 5.75 -24.54
CA PRO A 175 9.73 5.07 -25.00
C PRO A 175 10.57 4.53 -23.83
N LEU A 176 10.66 5.27 -22.72
CA LEU A 176 11.48 4.82 -21.61
C LEU A 176 10.91 3.58 -20.93
N LEU A 177 9.60 3.56 -20.68
CA LEU A 177 8.91 2.36 -20.14
C LEU A 177 9.04 1.17 -21.11
N SER A 178 8.92 1.43 -22.41
N SER A 178 8.90 1.44 -22.40
CA SER A 178 9.05 0.38 -23.42
CA SER A 178 9.05 0.41 -23.44
C SER A 178 10.42 -0.28 -23.35
C SER A 178 10.42 -0.27 -23.39
N ALA A 179 11.46 0.55 -23.36
CA ALA A 179 12.87 0.09 -23.32
C ALA A 179 13.19 -0.66 -22.00
N TYR A 180 12.64 -0.12 -20.91
CA TYR A 180 12.75 -0.68 -19.56
C TYR A 180 12.18 -2.10 -19.49
N VAL A 181 10.98 -2.29 -20.03
CA VAL A 181 10.37 -3.62 -20.08
C VAL A 181 11.29 -4.59 -20.85
N GLY A 182 11.79 -4.17 -22.01
CA GLY A 182 12.71 -5.01 -22.79
C GLY A 182 13.96 -5.38 -22.02
N ARG A 183 14.57 -4.37 -21.40
CA ARG A 183 15.80 -4.51 -20.62
C ARG A 183 15.63 -5.49 -19.41
N LEU A 184 14.65 -5.22 -18.55
CA LEU A 184 14.43 -6.10 -17.39
C LEU A 184 14.02 -7.53 -17.79
N SER A 185 13.13 -7.63 -18.78
CA SER A 185 12.66 -8.91 -19.30
C SER A 185 13.79 -9.77 -19.90
N ALA A 186 14.90 -9.13 -20.28
CA ALA A 186 16.07 -9.83 -20.85
C ALA A 186 17.08 -10.28 -19.80
N ARG A 187 16.90 -9.84 -18.54
CA ARG A 187 17.77 -10.36 -17.46
C ARG A 187 17.71 -11.90 -17.47
N PRO A 188 18.88 -12.57 -17.56
CA PRO A 188 18.89 -14.01 -17.86
C PRO A 188 17.98 -14.93 -17.02
N LYS A 189 18.06 -14.85 -15.69
CA LYS A 189 17.22 -15.69 -14.81
C LYS A 189 15.73 -15.35 -14.94
N LEU A 190 15.47 -14.05 -15.03
CA LEU A 190 14.14 -13.54 -15.27
C LEU A 190 13.54 -13.97 -16.63
N LYS A 191 14.30 -13.79 -17.70
CA LYS A 191 13.91 -14.24 -19.04
C LYS A 191 13.50 -15.72 -19.03
N ALA A 192 14.33 -16.55 -18.42
CA ALA A 192 14.10 -18.01 -18.34
C ALA A 192 12.80 -18.27 -17.58
N PHE A 193 12.62 -17.57 -16.46
CA PHE A 193 11.42 -17.73 -15.65
C PHE A 193 10.13 -17.38 -16.42
N LEU A 194 10.13 -16.24 -17.11
CA LEU A 194 8.95 -15.75 -17.83
C LEU A 194 8.53 -16.64 -19.03
N ALA A 195 9.49 -17.40 -19.56
CA ALA A 195 9.31 -18.38 -20.65
C ALA A 195 8.90 -19.77 -20.13
N SER A 196 9.02 -19.97 -18.81
CA SER A 196 8.83 -21.30 -18.18
C SER A 196 7.36 -21.68 -18.04
N PRO A 197 7.05 -23.02 -18.13
CA PRO A 197 5.70 -23.50 -17.88
C PRO A 197 5.13 -22.98 -16.55
N GLU A 198 5.96 -22.85 -15.51
CA GLU A 198 5.37 -22.44 -14.22
C GLU A 198 4.82 -21.02 -14.23
N TYR A 199 5.37 -20.18 -15.11
CA TYR A 199 4.80 -18.85 -15.37
C TYR A 199 3.75 -18.85 -16.51
N VAL A 200 4.14 -19.32 -17.69
CA VAL A 200 3.29 -19.24 -18.90
C VAL A 200 1.97 -20.00 -18.71
N ASN A 201 1.97 -21.15 -18.01
CA ASN A 201 0.73 -21.94 -17.90
C ASN A 201 -0.28 -21.51 -16.81
N LEU A 202 0.03 -20.42 -16.10
CA LEU A 202 -0.92 -19.79 -15.20
C LEU A 202 -1.62 -18.61 -15.90
N PRO A 203 -2.95 -18.47 -15.71
CA PRO A 203 -3.61 -17.27 -16.25
C PRO A 203 -3.19 -16.07 -15.40
N ILE A 204 -3.26 -14.87 -15.98
CA ILE A 204 -2.97 -13.64 -15.25
C ILE A 204 -3.93 -13.46 -14.07
N ASN A 205 -5.22 -13.69 -14.34
CA ASN A 205 -6.28 -13.49 -13.36
C ASN A 205 -7.13 -14.77 -13.14
N GLY A 206 -8.03 -14.73 -12.16
CA GLY A 206 -8.81 -15.92 -11.79
C GLY A 206 -10.09 -16.15 -12.58
N ASN A 207 -10.51 -15.18 -13.38
CA ASN A 207 -11.83 -15.24 -13.97
C ASN A 207 -11.81 -15.37 -15.49
N GLY A 208 -10.66 -15.70 -16.05
CA GLY A 208 -10.51 -15.86 -17.49
C GLY A 208 -10.32 -14.56 -18.29
N LYS A 209 -10.44 -13.41 -17.64
CA LYS A 209 -10.27 -12.10 -18.31
C LYS A 209 -8.84 -11.57 -18.21
N GLN A 210 -8.40 -10.88 -19.27
CA GLN A 210 -7.07 -10.22 -19.32
C GLN A 210 -7.03 -9.07 -20.34
N PRO B 3 11.91 20.74 9.88
CA PRO B 3 12.39 20.28 8.55
C PRO B 3 11.27 19.82 7.61
N TYR B 4 10.06 19.68 8.13
CA TYR B 4 9.01 19.06 7.33
C TYR B 4 7.91 19.99 6.88
N THR B 5 7.37 19.69 5.71
CA THR B 5 6.19 20.40 5.18
C THR B 5 5.13 19.41 4.71
N VAL B 6 3.91 19.65 5.17
CA VAL B 6 2.74 18.87 4.77
C VAL B 6 1.85 19.75 3.92
N VAL B 7 1.61 19.31 2.69
CA VAL B 7 0.76 20.04 1.75
C VAL B 7 -0.55 19.27 1.52
N TYR B 8 -1.68 19.85 1.96
CA TYR B 8 -2.94 19.11 1.93
C TYR B 8 -4.17 20.01 1.98
N PHE B 9 -5.32 19.45 1.67
CA PHE B 9 -6.63 20.09 1.92
C PHE B 9 -6.86 20.32 3.43
N PRO B 10 -7.76 21.29 3.80
CA PRO B 10 -8.04 21.46 5.24
C PRO B 10 -8.96 20.36 5.75
N VAL B 11 -8.41 19.14 5.80
CA VAL B 11 -9.14 17.96 6.33
C VAL B 11 -8.10 17.04 7.01
N ARG B 12 -8.59 16.13 7.84
CA ARG B 12 -7.72 15.16 8.53
C ARG B 12 -7.28 14.13 7.50
N GLY B 13 -8.26 13.36 7.00
CA GLY B 13 -8.10 12.42 5.85
C GLY B 13 -6.83 11.58 5.98
N ARG B 14 -6.05 11.54 4.89
CA ARG B 14 -4.79 10.75 4.81
C ARG B 14 -3.58 11.35 5.48
N CYS B 15 -3.70 12.56 6.07
CA CYS B 15 -2.60 13.17 6.79
C CYS B 15 -2.71 13.03 8.32
N ALA B 16 -3.87 12.57 8.78
CA ALA B 16 -4.14 12.51 10.21
C ALA B 16 -3.07 11.66 10.94
N ALA B 17 -2.79 10.48 10.37
CA ALA B 17 -1.87 9.52 11.00
C ALA B 17 -0.45 10.08 11.06
N LEU B 18 0.04 10.61 9.93
CA LEU B 18 1.38 11.18 9.90
C LEU B 18 1.49 12.43 10.77
N ARG B 19 0.41 13.22 10.88
CA ARG B 19 0.41 14.34 11.86
C ARG B 19 0.52 13.85 13.32
N MET B 20 -0.28 12.85 13.68
CA MET B 20 -0.22 12.25 15.03
C MET B 20 1.20 11.76 15.30
N LEU B 21 1.78 11.07 14.32
CA LEU B 21 3.15 10.57 14.45
C LEU B 21 4.12 11.73 14.74
N LEU B 22 4.08 12.78 13.92
CA LEU B 22 5.00 13.92 14.09
C LEU B 22 4.83 14.61 15.46
N ALA B 23 3.58 14.86 15.83
CA ALA B 23 3.23 15.47 17.11
C ALA B 23 3.74 14.59 18.27
N ASP B 24 3.44 13.30 18.24
CA ASP B 24 3.83 12.40 19.33
C ASP B 24 5.36 12.30 19.46
N GLN B 25 6.07 12.43 18.34
CA GLN B 25 7.52 12.27 18.31
C GLN B 25 8.23 13.62 18.54
N GLY B 26 7.47 14.65 18.88
CA GLY B 26 8.00 15.99 19.13
C GLY B 26 8.68 16.62 17.94
N GLN B 27 8.21 16.30 16.74
CA GLN B 27 8.79 16.87 15.53
C GLN B 27 8.10 18.20 15.23
N SER B 28 8.77 19.09 14.50
CA SER B 28 8.16 20.31 14.02
C SER B 28 7.81 20.19 12.56
N TRP B 29 6.69 20.80 12.17
CA TRP B 29 6.35 20.87 10.76
C TRP B 29 5.49 22.05 10.38
N LYS B 30 5.49 22.34 9.09
CA LYS B 30 4.71 23.42 8.49
C LYS B 30 3.55 22.80 7.75
N GLU B 31 2.36 23.38 7.92
CA GLU B 31 1.18 23.01 7.14
C GLU B 31 0.99 24.00 6.00
N GLU B 32 0.90 23.50 4.78
CA GLU B 32 0.59 24.32 3.65
C GLU B 32 -0.79 23.85 3.20
N VAL B 33 -1.79 24.72 3.45
CA VAL B 33 -3.21 24.39 3.26
C VAL B 33 -3.63 24.72 1.83
N VAL B 34 -4.23 23.75 1.17
CA VAL B 34 -4.69 23.91 -0.20
C VAL B 34 -6.20 23.98 -0.26
N THR B 35 -6.70 25.10 -0.75
CA THR B 35 -8.14 25.33 -0.84
C THR B 35 -8.70 24.71 -2.11
N VAL B 36 -10.02 24.55 -2.15
CA VAL B 36 -10.75 24.06 -3.31
C VAL B 36 -10.45 24.85 -4.60
N GLU B 37 -10.42 26.19 -4.48
CA GLU B 37 -10.10 27.09 -5.60
C GLU B 37 -8.69 26.82 -6.17
N THR B 38 -7.71 26.69 -5.27
CA THR B 38 -6.33 26.38 -5.68
C THR B 38 -6.23 25.02 -6.36
N TRP B 39 -6.93 24.02 -5.82
CA TRP B 39 -6.89 22.69 -6.43
C TRP B 39 -7.53 22.70 -7.82
N GLN B 40 -8.67 23.37 -7.92
CA GLN B 40 -9.43 23.47 -9.18
C GLN B 40 -8.65 24.16 -10.29
N GLU B 41 -7.81 25.12 -9.92
CA GLU B 41 -6.99 25.87 -10.87
C GLU B 41 -6.11 24.94 -11.73
N GLY B 42 -5.69 23.81 -11.15
CA GLY B 42 -5.02 22.78 -11.95
C GLY B 42 -3.51 22.69 -11.86
N SER B 43 -2.86 23.82 -11.64
CA SER B 43 -1.40 23.87 -11.65
C SER B 43 -0.74 22.98 -10.60
N LEU B 44 -1.22 23.08 -9.37
CA LEU B 44 -0.62 22.30 -8.28
C LEU B 44 -0.80 20.81 -8.57
N LYS B 45 -2.02 20.42 -8.92
CA LYS B 45 -2.37 19.03 -9.25
C LYS B 45 -1.48 18.46 -10.35
N ALA B 46 -1.29 19.22 -11.43
CA ALA B 46 -0.45 18.76 -12.54
C ALA B 46 1.00 18.54 -12.11
N SER B 47 1.47 19.30 -11.12
CA SER B 47 2.83 19.19 -10.61
C SER B 47 3.03 17.98 -9.69
N CYS B 48 1.94 17.41 -9.19
CA CYS B 48 2.03 16.32 -8.23
C CYS B 48 2.27 15.02 -8.99
N LEU B 49 3.19 14.20 -8.48
CA LEU B 49 3.60 13.00 -9.21
C LEU B 49 2.42 12.18 -9.70
N TYR B 50 1.48 11.86 -8.80
CA TYR B 50 0.29 11.09 -9.17
C TYR B 50 -1.00 11.93 -9.20
N GLY B 51 -0.86 13.26 -9.37
CA GLY B 51 -2.02 14.18 -9.40
C GLY B 51 -2.83 14.22 -8.09
N GLN B 52 -2.19 13.90 -6.97
CA GLN B 52 -2.86 13.76 -5.67
C GLN B 52 -2.06 14.46 -4.58
N LEU B 53 -2.77 14.90 -3.54
CA LEU B 53 -2.17 15.29 -2.25
C LEU B 53 -2.41 14.14 -1.25
N PRO B 54 -1.64 14.07 -0.13
CA PRO B 54 -0.60 14.98 0.33
C PRO B 54 0.67 14.99 -0.50
N LYS B 55 1.30 16.15 -0.45
CA LYS B 55 2.68 16.31 -0.90
C LYS B 55 3.47 16.56 0.38
N PHE B 56 4.65 15.98 0.48
CA PHE B 56 5.45 16.08 1.71
C PHE B 56 6.88 16.50 1.37
N GLN B 57 7.38 17.49 2.09
N GLN B 57 7.38 17.51 2.06
CA GLN B 57 8.76 17.92 1.92
CA GLN B 57 8.78 17.87 1.88
C GLN B 57 9.57 17.61 3.18
C GLN B 57 9.58 17.64 3.16
N ASP B 58 10.76 17.11 2.99
CA ASP B 58 11.72 17.02 4.07
C ASP B 58 13.12 17.28 3.51
N GLY B 59 13.61 18.49 3.77
CA GLY B 59 14.75 19.03 3.04
C GLY B 59 14.46 19.08 1.56
N ASP B 60 15.40 18.58 0.77
CA ASP B 60 15.29 18.51 -0.67
C ASP B 60 14.52 17.29 -1.15
N LEU B 61 14.07 16.44 -0.22
CA LEU B 61 13.30 15.27 -0.62
C LEU B 61 11.83 15.64 -0.72
N THR B 62 11.23 15.36 -1.87
CA THR B 62 9.80 15.52 -2.04
C THR B 62 9.15 14.16 -2.19
N LEU B 63 8.15 13.90 -1.34
CA LEU B 63 7.41 12.64 -1.38
C LEU B 63 5.92 12.86 -1.63
N TYR B 64 5.28 11.87 -2.26
CA TYR B 64 3.84 11.74 -2.40
C TYR B 64 3.43 10.35 -1.87
N GLN B 65 2.13 10.14 -1.64
CA GLN B 65 1.55 8.88 -1.14
C GLN B 65 1.65 8.80 0.40
N SER B 66 0.50 8.77 1.08
CA SER B 66 0.48 8.85 2.56
C SER B 66 1.31 7.73 3.23
N ASN B 67 1.21 6.50 2.73
CA ASN B 67 2.01 5.41 3.32
C ASN B 67 3.51 5.48 3.02
N THR B 68 3.88 6.11 1.89
CA THR B 68 5.31 6.40 1.64
C THR B 68 5.85 7.39 2.70
N ILE B 69 5.06 8.43 2.97
CA ILE B 69 5.39 9.38 4.03
C ILE B 69 5.49 8.69 5.39
N LEU B 70 4.49 7.86 5.73
CA LEU B 70 4.54 7.12 6.99
C LEU B 70 5.79 6.23 7.10
N ARG B 71 6.04 5.44 6.05
CA ARG B 71 7.25 4.58 6.03
C ARG B 71 8.56 5.36 6.13
N HIS B 72 8.64 6.50 5.44
CA HIS B 72 9.85 7.33 5.49
C HIS B 72 10.11 7.82 6.92
N LEU B 73 9.06 8.35 7.55
CA LEU B 73 9.14 8.85 8.93
C LEU B 73 9.46 7.68 9.86
N GLY B 74 8.81 6.53 9.62
CA GLY B 74 9.08 5.31 10.39
C GLY B 74 10.55 4.94 10.28
N ARG B 75 11.08 4.95 9.06
CA ARG B 75 12.47 4.57 8.83
C ARG B 75 13.44 5.57 9.48
N THR B 76 13.18 6.85 9.33
CA THR B 76 14.12 7.87 9.74
C THR B 76 14.09 8.14 11.24
N LEU B 77 12.96 7.88 11.90
CA LEU B 77 12.77 8.14 13.33
C LEU B 77 12.83 6.88 14.20
N GLY B 78 12.97 5.71 13.58
CA GLY B 78 13.07 4.45 14.30
C GLY B 78 11.73 3.97 14.79
N LEU B 79 10.72 4.02 13.92
CA LEU B 79 9.38 3.59 14.27
C LEU B 79 8.97 2.47 13.27
N TYR B 80 9.82 1.47 13.14
CA TYR B 80 9.62 0.47 12.10
C TYR B 80 10.07 -0.91 12.63
N GLY B 81 9.85 -1.13 13.93
CA GLY B 81 10.14 -2.42 14.56
C GLY B 81 11.63 -2.57 14.85
N LYS B 82 11.99 -3.60 15.60
CA LYS B 82 13.36 -3.71 16.11
C LYS B 82 14.33 -4.37 15.11
N ASP B 83 13.79 -5.05 14.12
CA ASP B 83 14.60 -5.85 13.18
C ASP B 83 13.72 -6.10 11.96
N GLN B 84 14.26 -6.85 11.01
CA GLN B 84 13.54 -7.13 9.76
C GLN B 84 12.25 -7.91 9.99
N GLN B 85 12.28 -8.91 10.85
CA GLN B 85 11.09 -9.68 11.08
C GLN B 85 9.93 -8.76 11.60
N GLU B 86 10.25 -7.87 12.53
CA GLU B 86 9.25 -6.93 13.05
C GLU B 86 8.80 -5.95 11.96
N ALA B 87 9.75 -5.50 11.13
CA ALA B 87 9.43 -4.53 10.03
C ALA B 87 8.39 -5.16 9.07
N ALA B 88 8.56 -6.45 8.79
CA ALA B 88 7.58 -7.18 7.98
C ALA B 88 6.19 -7.21 8.62
N LEU B 89 6.12 -7.46 9.93
CA LEU B 89 4.83 -7.43 10.67
C LEU B 89 4.24 -6.03 10.67
N VAL B 90 5.10 -5.03 10.87
CA VAL B 90 4.65 -3.61 10.76
C VAL B 90 3.97 -3.32 9.42
N ASP B 91 4.64 -3.71 8.33
CA ASP B 91 4.07 -3.58 6.99
C ASP B 91 2.74 -4.31 6.86
N MET B 92 2.71 -5.56 7.35
CA MET B 92 1.50 -6.34 7.30
C MET B 92 0.32 -5.62 7.99
N VAL B 93 0.56 -5.04 9.15
CA VAL B 93 -0.50 -4.28 9.86
C VAL B 93 -0.88 -3.01 9.03
N ASN B 94 0.13 -2.25 8.62
CA ASN B 94 -0.16 -1.07 7.83
C ASN B 94 -0.95 -1.33 6.53
N ASP B 95 -0.56 -2.38 5.79
CA ASP B 95 -1.27 -2.75 4.55
C ASP B 95 -2.71 -3.13 4.88
N GLY B 96 -2.93 -3.84 6.00
CA GLY B 96 -4.28 -4.15 6.43
C GLY B 96 -5.06 -2.89 6.82
N VAL B 97 -4.40 -1.96 7.52
CA VAL B 97 -5.07 -0.67 7.87
C VAL B 97 -5.49 0.02 6.56
N GLU B 98 -4.58 0.07 5.58
CA GLU B 98 -4.79 0.76 4.31
C GLU B 98 -5.96 0.16 3.53
N ASP B 99 -6.05 -1.18 3.56
CA ASP B 99 -7.16 -1.90 2.92
C ASP B 99 -8.52 -1.43 3.44
N LEU B 100 -8.64 -1.36 4.76
CA LEU B 100 -9.87 -0.88 5.35
C LEU B 100 -10.06 0.63 5.15
N ARG B 101 -8.96 1.41 5.18
CA ARG B 101 -9.05 2.86 4.84
C ARG B 101 -9.64 3.04 3.44
N CYS B 102 -9.20 2.21 2.48
N CYS B 102 -9.18 2.22 2.48
CA CYS B 102 -9.68 2.30 1.12
CA CYS B 102 -9.67 2.28 1.13
C CYS B 102 -11.20 2.08 1.02
C CYS B 102 -11.19 2.14 1.09
N LYS B 103 -11.68 1.07 1.73
CA LYS B 103 -13.12 0.80 1.79
C LYS B 103 -13.87 1.95 2.46
N TYR B 104 -13.34 2.44 3.58
CA TYR B 104 -13.93 3.58 4.29
C TYR B 104 -14.07 4.78 3.36
N ILE B 105 -12.98 5.10 2.66
CA ILE B 105 -12.95 6.21 1.71
C ILE B 105 -13.98 6.06 0.59
N SER B 106 -14.04 4.86 0.00
CA SER B 106 -15.01 4.56 -1.05
C SER B 106 -16.44 4.76 -0.52
N LEU B 107 -16.70 4.30 0.71
CA LEU B 107 -18.01 4.58 1.33
C LEU B 107 -18.28 6.08 1.46
N ILE B 108 -17.36 6.79 2.12
CA ILE B 108 -17.54 8.21 2.38
C ILE B 108 -17.81 9.00 1.10
N TYR B 109 -16.99 8.78 0.07
CA TYR B 109 -16.97 9.67 -1.08
C TYR B 109 -17.88 9.29 -2.23
N THR B 110 -18.30 8.02 -2.28
CA THR B 110 -19.00 7.51 -3.45
C THR B 110 -20.31 6.77 -3.16
N ASN B 111 -20.57 6.41 -1.91
CA ASN B 111 -21.68 5.52 -1.63
C ASN B 111 -22.21 5.59 -0.19
N TYR B 112 -22.20 6.77 0.41
CA TYR B 112 -22.49 6.88 1.85
C TYR B 112 -23.94 6.51 2.20
N GLU B 113 -24.91 7.16 1.55
CA GLU B 113 -26.30 6.87 1.93
C GLU B 113 -26.75 5.45 1.60
N ALA B 114 -26.44 4.95 0.40
CA ALA B 114 -26.80 3.56 0.06
C ALA B 114 -25.97 2.47 0.78
N GLY B 115 -24.70 2.76 1.03
CA GLY B 115 -23.74 1.75 1.47
C GLY B 115 -23.46 1.59 2.95
N LYS B 116 -23.87 2.57 3.77
CA LYS B 116 -23.51 2.57 5.20
C LYS B 116 -23.97 1.35 5.99
N ASP B 117 -25.20 0.89 5.74
CA ASP B 117 -25.75 -0.21 6.52
C ASP B 117 -24.90 -1.48 6.28
N ASP B 118 -24.55 -1.75 5.02
CA ASP B 118 -23.74 -2.93 4.70
C ASP B 118 -22.33 -2.82 5.27
N TYR B 119 -21.74 -1.62 5.18
CA TYR B 119 -20.40 -1.37 5.74
C TYR B 119 -20.33 -1.63 7.25
N VAL B 120 -21.25 -1.02 7.99
CA VAL B 120 -21.30 -1.17 9.45
C VAL B 120 -21.53 -2.64 9.88
N LYS B 121 -22.39 -3.35 9.16
CA LYS B 121 -22.65 -4.76 9.44
C LYS B 121 -21.38 -5.59 9.23
N ALA B 122 -20.62 -5.26 8.18
CA ALA B 122 -19.35 -5.93 7.88
C ALA B 122 -18.19 -5.52 8.81
N LEU B 123 -18.33 -4.39 9.49
CA LEU B 123 -17.24 -3.79 10.25
C LEU B 123 -16.56 -4.71 11.30
N PRO B 124 -17.35 -5.39 12.15
CA PRO B 124 -16.72 -6.23 13.17
C PRO B 124 -15.70 -7.23 12.60
N GLY B 125 -16.06 -7.90 11.50
CA GLY B 125 -15.17 -8.83 10.80
C GLY B 125 -13.93 -8.17 10.21
N GLN B 126 -14.03 -6.87 9.93
CA GLN B 126 -12.89 -6.05 9.48
C GLN B 126 -11.95 -5.56 10.58
N LEU B 127 -12.46 -5.45 11.82
CA LEU B 127 -11.66 -4.96 12.94
C LEU B 127 -11.01 -6.08 13.68
N LYS B 128 -11.69 -7.22 13.72
CA LYS B 128 -11.23 -8.39 14.44
C LYS B 128 -9.75 -8.77 14.19
N PRO B 129 -9.25 -8.71 12.91
CA PRO B 129 -7.81 -9.01 12.71
C PRO B 129 -6.86 -8.20 13.61
N PHE B 130 -7.17 -6.94 13.88
CA PHE B 130 -6.32 -6.09 14.71
C PHE B 130 -6.36 -6.46 16.19
N GLU B 131 -7.53 -6.89 16.65
CA GLU B 131 -7.68 -7.42 18.03
C GLU B 131 -6.85 -8.71 18.16
N THR B 132 -6.92 -9.56 17.14
CA THR B 132 -6.12 -10.80 17.09
C THR B 132 -4.61 -10.50 17.14
N LEU B 133 -4.14 -9.54 16.33
CA LEU B 133 -2.74 -9.14 16.36
C LEU B 133 -2.33 -8.72 17.77
N LEU B 134 -3.13 -7.84 18.37
CA LEU B 134 -2.89 -7.42 19.74
C LEU B 134 -2.82 -8.61 20.70
N SER B 135 -3.75 -9.55 20.55
CA SER B 135 -3.81 -10.71 21.44
C SER B 135 -2.52 -11.55 21.42
N GLN B 136 -1.83 -11.50 20.28
CA GLN B 136 -0.68 -12.36 20.02
C GLN B 136 0.61 -11.62 20.29
N ASN B 137 0.50 -10.37 20.75
CA ASN B 137 1.68 -9.57 21.07
C ASN B 137 1.67 -9.01 22.49
N GLN B 138 2.33 -9.73 23.41
CA GLN B 138 2.44 -9.36 24.83
C GLN B 138 1.06 -9.09 25.44
N GLY B 139 0.07 -9.88 25.06
CA GLY B 139 -1.27 -9.74 25.60
C GLY B 139 -1.97 -8.44 25.26
N GLY B 140 -1.51 -7.77 24.19
CA GLY B 140 -2.15 -6.54 23.75
C GLY B 140 -1.72 -5.34 24.59
N LYS B 141 -0.71 -5.51 25.44
CA LYS B 141 -0.33 -4.47 26.43
C LYS B 141 0.61 -3.40 25.93
N THR B 142 1.22 -3.61 24.78
CA THR B 142 2.23 -2.67 24.31
C THR B 142 1.76 -2.00 23.02
N PHE B 143 2.24 -2.49 21.88
CA PHE B 143 1.95 -1.84 20.59
C PHE B 143 1.40 -2.89 19.63
N ILE B 144 1.06 -2.49 18.40
CA ILE B 144 0.53 -3.47 17.44
C ILE B 144 1.61 -4.50 17.06
N VAL B 145 2.87 -4.06 17.00
CA VAL B 145 4.02 -4.93 16.74
C VAL B 145 5.14 -4.63 17.73
N GLY B 146 5.59 -5.66 18.42
CA GLY B 146 6.82 -5.53 19.20
C GLY B 146 6.59 -4.70 20.44
N ASP B 147 7.67 -4.13 20.94
CA ASP B 147 7.67 -3.46 22.25
C ASP B 147 7.80 -1.95 22.14
N GLN B 148 7.85 -1.44 20.91
CA GLN B 148 8.00 0.00 20.65
C GLN B 148 6.97 0.46 19.63
N ILE B 149 6.64 1.74 19.72
CA ILE B 149 5.65 2.28 18.81
C ILE B 149 6.19 2.28 17.37
N SER B 150 5.29 2.08 16.42
CA SER B 150 5.71 2.08 15.01
C SER B 150 4.73 2.98 14.22
N PHE B 151 5.07 3.27 12.96
CA PHE B 151 4.17 4.11 12.18
C PHE B 151 2.80 3.45 11.98
N ALA B 152 2.77 2.11 11.97
CA ALA B 152 1.53 1.34 11.88
C ALA B 152 0.62 1.65 13.07
N ASP B 153 1.18 1.90 14.24
CA ASP B 153 0.34 2.20 15.42
C ASP B 153 -0.43 3.49 15.18
N TYR B 154 0.28 4.51 14.68
CA TYR B 154 -0.38 5.80 14.39
C TYR B 154 -1.48 5.66 13.35
N ASN B 155 -1.19 4.94 12.26
CA ASN B 155 -2.17 4.64 11.23
C ASN B 155 -3.37 3.84 11.78
N LEU B 156 -3.10 2.77 12.54
CA LEU B 156 -4.21 2.00 13.11
C LEU B 156 -5.10 2.85 14.06
N LEU B 157 -4.43 3.63 14.91
CA LEU B 157 -5.16 4.46 15.89
C LEU B 157 -6.09 5.39 15.09
N ASP B 158 -5.58 6.03 14.05
CA ASP B 158 -6.47 6.88 13.22
C ASP B 158 -7.69 6.13 12.67
N LEU B 159 -7.40 4.96 12.07
CA LEU B 159 -8.43 4.09 11.53
C LEU B 159 -9.53 3.83 12.57
N LEU B 160 -9.09 3.51 13.78
CA LEU B 160 -10.01 3.20 14.86
C LEU B 160 -10.81 4.42 15.31
N LEU B 161 -10.14 5.53 15.52
CA LEU B 161 -10.84 6.78 15.91
C LEU B 161 -11.92 7.18 14.89
N ILE B 162 -11.61 7.14 13.59
CA ILE B 162 -12.61 7.55 12.56
C ILE B 162 -13.75 6.54 12.48
N HIS B 163 -13.43 5.28 12.79
CA HIS B 163 -14.46 4.27 12.81
C HIS B 163 -15.43 4.40 14.00
N GLU B 164 -14.92 4.90 15.12
CA GLU B 164 -15.79 5.18 16.29
C GLU B 164 -16.77 6.32 16.01
N VAL B 165 -16.37 7.29 15.17
CA VAL B 165 -17.29 8.34 14.68
C VAL B 165 -18.34 7.73 13.73
N LEU B 166 -17.89 6.89 12.79
CA LEU B 166 -18.78 6.29 11.83
C LEU B 166 -19.83 5.37 12.48
N ALA B 167 -19.37 4.57 13.42
CA ALA B 167 -20.14 3.47 13.99
C ALA B 167 -19.84 3.45 15.47
N PRO B 168 -20.43 4.41 16.24
CA PRO B 168 -20.11 4.48 17.68
C PRO B 168 -20.30 3.12 18.35
N GLY B 169 -19.38 2.75 19.23
CA GLY B 169 -19.44 1.46 19.96
C GLY B 169 -18.80 0.28 19.22
N CYS B 170 -18.23 0.55 18.03
CA CYS B 170 -17.68 -0.52 17.20
C CYS B 170 -16.48 -1.24 17.84
N LEU B 171 -15.86 -0.63 18.84
CA LEU B 171 -14.78 -1.29 19.55
C LEU B 171 -15.21 -2.00 20.83
N ASP B 172 -16.48 -1.87 21.19
CA ASP B 172 -16.91 -2.33 22.52
C ASP B 172 -16.69 -3.82 22.73
N ALA B 173 -16.87 -4.61 21.68
CA ALA B 173 -16.63 -6.05 21.71
C ALA B 173 -15.13 -6.42 21.69
N PHE B 174 -14.26 -5.43 21.57
CA PHE B 174 -12.84 -5.70 21.41
C PHE B 174 -12.02 -5.08 22.54
N PRO B 175 -11.86 -5.83 23.67
CA PRO B 175 -11.18 -5.24 24.83
C PRO B 175 -9.75 -4.75 24.58
N LEU B 176 -8.97 -5.48 23.77
CA LEU B 176 -7.58 -5.09 23.53
C LEU B 176 -7.50 -3.81 22.71
N LEU B 177 -8.29 -3.73 21.64
CA LEU B 177 -8.34 -2.53 20.79
C LEU B 177 -8.84 -1.32 21.63
N SER B 178 -9.88 -1.55 22.44
CA SER B 178 -10.46 -0.50 23.29
C SER B 178 -9.38 0.10 24.19
N ALA B 179 -8.64 -0.77 24.88
CA ALA B 179 -7.63 -0.33 25.83
C ALA B 179 -6.41 0.30 25.11
N TYR B 180 -6.10 -0.23 23.93
CA TYR B 180 -5.02 0.28 23.08
C TYR B 180 -5.31 1.74 22.66
N VAL B 181 -6.52 1.98 22.17
CA VAL B 181 -6.99 3.32 21.82
C VAL B 181 -6.84 4.28 23.02
N GLY B 182 -7.30 3.87 24.21
CA GLY B 182 -7.15 4.71 25.44
C GLY B 182 -5.68 4.97 25.80
N ARG B 183 -4.87 3.92 25.72
CA ARG B 183 -3.44 3.98 26.09
C ARG B 183 -2.65 4.92 25.17
N LEU B 184 -2.79 4.69 23.86
CA LEU B 184 -2.06 5.51 22.92
C LEU B 184 -2.56 6.96 22.97
N SER B 185 -3.87 7.13 23.13
CA SER B 185 -4.52 8.47 23.13
C SER B 185 -4.10 9.29 24.35
N ALA B 186 -3.69 8.59 25.41
CA ALA B 186 -3.16 9.19 26.62
C ALA B 186 -1.66 9.60 26.59
N ARG B 187 -0.92 9.22 25.55
CA ARG B 187 0.49 9.60 25.45
C ARG B 187 0.53 11.15 25.43
N PRO B 188 1.31 11.78 26.35
CA PRO B 188 1.17 13.23 26.60
C PRO B 188 1.19 14.14 25.36
N LYS B 189 2.16 13.98 24.46
CA LYS B 189 2.19 14.82 23.24
C LYS B 189 1.04 14.58 22.29
N LEU B 190 0.69 13.30 22.09
CA LEU B 190 -0.43 12.90 21.24
C LEU B 190 -1.77 13.36 21.83
N LYS B 191 -1.92 13.23 23.15
CA LYS B 191 -3.08 13.68 23.88
C LYS B 191 -3.25 15.18 23.65
N ALA B 192 -2.18 15.97 23.86
CA ALA B 192 -2.19 17.42 23.60
C ALA B 192 -2.59 17.73 22.14
N PHE B 193 -1.99 17.00 21.19
CA PHE B 193 -2.35 17.18 19.80
C PHE B 193 -3.80 16.87 19.50
N LEU B 194 -4.31 15.72 19.98
CA LEU B 194 -5.67 15.32 19.70
C LEU B 194 -6.71 16.27 20.31
N ALA B 195 -6.33 16.94 21.38
CA ALA B 195 -7.21 17.91 22.03
C ALA B 195 -7.14 19.27 21.35
N SER B 196 -6.09 19.52 20.55
CA SER B 196 -5.85 20.87 20.00
C SER B 196 -6.83 21.25 18.87
N PRO B 197 -7.13 22.56 18.69
CA PRO B 197 -8.04 23.00 17.58
C PRO B 197 -7.54 22.58 16.17
N GLU B 198 -6.21 22.53 16.01
CA GLU B 198 -5.52 22.08 14.80
C GLU B 198 -6.00 20.68 14.30
N TYR B 199 -6.24 19.79 15.26
CA TYR B 199 -6.89 18.49 14.98
C TYR B 199 -8.42 18.63 15.08
N VAL B 200 -8.92 19.06 16.24
CA VAL B 200 -10.35 19.01 16.49
C VAL B 200 -11.19 19.79 15.46
N ASN B 201 -10.71 20.95 15.04
CA ASN B 201 -11.52 21.82 14.17
C ASN B 201 -11.39 21.56 12.66
N LEU B 202 -10.65 20.52 12.29
CA LEU B 202 -10.66 20.02 10.88
C LEU B 202 -11.66 18.89 10.72
N PRO B 203 -12.45 18.87 9.62
CA PRO B 203 -13.37 17.75 9.39
C PRO B 203 -12.52 16.53 9.00
N ILE B 204 -13.03 15.34 9.26
CA ILE B 204 -12.28 14.11 8.98
C ILE B 204 -12.06 13.95 7.46
N ASN B 205 -13.13 14.20 6.72
CA ASN B 205 -13.20 14.11 5.27
C ASN B 205 -13.57 15.46 4.63
N GLY B 206 -13.56 15.49 3.30
CA GLY B 206 -13.66 16.76 2.58
C GLY B 206 -15.05 17.02 2.04
N ASN B 207 -15.99 16.12 2.32
CA ASN B 207 -17.35 16.22 1.79
C ASN B 207 -18.46 16.32 2.88
N GLY B 208 -18.08 16.66 4.10
CA GLY B 208 -19.04 16.80 5.19
C GLY B 208 -19.60 15.50 5.77
N LYS B 209 -19.11 14.36 5.26
CA LYS B 209 -19.60 13.07 5.77
C LYS B 209 -18.54 12.39 6.64
N GLN B 210 -19.02 11.61 7.61
CA GLN B 210 -18.18 10.92 8.61
C GLN B 210 -19.01 9.84 9.31
PT PT C . -8.40 0.39 -3.27
O1 MES D . 8.47 -24.03 -7.23
C2 MES D . 8.92 -24.95 -8.23
C3 MES D . 9.65 -24.31 -9.40
N4 MES D . 10.41 -23.10 -9.02
C5 MES D . 10.00 -22.27 -7.89
C6 MES D . 8.55 -22.64 -7.56
C7 MES D . 11.65 -22.83 -9.77
C8 MES D . 11.84 -21.36 -10.20
S MES D . 13.36 -21.05 -10.90
O1S MES D . 13.33 -19.72 -10.29
O2S MES D . 12.69 -21.28 -12.20
O3S MES D . 13.98 -22.16 -10.15
C1 EAA E . -8.63 -12.07 -6.84
O2 EAA E . -7.81 -11.02 -6.51
C2 EAA E . -7.99 -13.32 -7.33
CL1 EAA E . -6.24 -13.41 -7.47
C3 EAA E . -8.78 -14.50 -7.69
CL2 EAA E . -7.91 -15.97 -8.28
C4 EAA E . -10.26 -14.38 -7.55
C5 EAA E . -10.82 -13.16 -7.07
C6 EAA E . -10.05 -12.05 -6.72
C7 EAA E . -11.14 -15.55 -7.87
O1 EAA E . -11.54 -15.74 -9.02
C8 EAA E . -11.43 -16.46 -6.76
C9 EAA E . -12.47 -16.09 -5.74
C10 EAA E . -11.78 -15.63 -4.46
C11 EAA E . -10.78 -17.60 -6.61
C12 EAA E . -8.25 -9.69 -6.22
C13 EAA E . -7.07 -8.90 -5.67
O EAA E . -7.28 -7.96 -4.87
OXT EAA E . -5.93 -9.23 -6.02
CA CA F . -2.26 5.49 -2.81
CL CL G . -7.98 -1.36 -1.66
CA CA H . 11.85 3.29 18.35
O1 MES I . 1.68 23.79 12.20
C2 MES I . 1.76 22.37 12.25
C3 MES I . 2.27 21.83 13.60
N4 MES I . 1.80 22.65 14.74
C5 MES I . 1.55 24.09 14.59
C6 MES I . 0.85 24.30 13.26
C7 MES I . 1.64 22.13 16.11
C8 MES I . 2.01 20.66 16.27
S MES I . 2.41 20.26 17.85
O1S MES I . 3.54 21.08 18.30
O2S MES I . 1.22 20.35 18.74
O3S MES I . 2.86 18.85 17.91
CA CA J . -4.11 -5.36 0.29
C1 EAA K . -10.08 12.78 -0.96
O2 EAA K . -9.34 11.66 -0.65
C2 EAA K . -9.94 13.98 -0.09
CL1 EAA K . -8.84 14.05 1.30
C3 EAA K . -10.74 15.16 -0.39
CL2 EAA K . -10.54 16.58 0.69
C4 EAA K . -11.66 15.13 -1.55
C5 EAA K . -11.74 13.97 -2.31
C6 EAA K . -10.98 12.82 -2.02
C7 EAA K . -12.48 16.36 -1.84
O1 EAA K . -13.37 16.68 -1.06
C8 EAA K . -12.19 17.17 -3.04
C9 EAA K . -13.31 17.44 -4.03
C10 EAA K . -14.22 18.53 -3.49
C11 EAA K . -10.98 17.65 -3.26
C12 EAA K . -9.81 10.90 0.46
C13 EAA K . -8.69 10.42 1.35
O EAA K . -8.65 10.70 2.58
OXT EAA K . -7.84 9.74 0.75
#